data_3MXB
#
_entry.id   3MXB
#
_cell.length_a   69.050
_cell.length_b   89.360
_cell.length_c   86.340
_cell.angle_alpha   90.00
_cell.angle_beta   99.51
_cell.angle_gamma   90.00
#
_symmetry.space_group_name_H-M   'P 1 21 1'
#
loop_
_entity.id
_entity.type
_entity.pdbx_description
1 polymer V3(E8K)
2 polymer V2(K7E-G19S)
3 polymer "DNA (5'-D(*TP*TP*GP*TP*TP*CP*TP*CP*AP*GP*GP*TP*AP*CP*CP*TP*CP*AP*GP*CP*CP*AP*GP*A)-3')"
4 polymer "DNA (5'-D(*TP*CP*TP*GP*GP*CP*TP*GP*AP*GP*GP*TP*AP*CP*CP*TP*GP*AP*GP*AP*AP*CP*AP*A)-3')"
5 non-polymer 'CALCIUM ION'
6 non-polymer 'PHOSPHATE ION'
7 water water
#
loop_
_entity_poly.entity_id
_entity_poly.type
_entity_poly.pdbx_seq_one_letter_code
_entity_poly.pdbx_strand_id
1 'polypeptide(L)'
;MANTKYNKKFLLYLAGFVDGDGSIIAQINPNQSSKFKHRLRLTFYVTQKTQRRWFLDKLVDEIGVGYVRDSGSVSQYVLS
EIKPLHNFLTQLQPFLKLKQKQANLVLKIIEQLPSAKESPDKFLEVCTWVDQIAALNDSKTRKTTSETVRAVLDSLSGKK
KSSPAADWSHPQFEK
;
A,R
2 'polypeptide(L)'
;MANTKYNEEFLLYLAGFVDSDGSIIAQIKPRQSNKFKHQLSLTFAVTQKTQRRWFLDKLVDEIGVGYVYDSGSVSDYRLS
EIKPLHNFLTQLQPFLKLKQKQANLVLKIIEQLPSAKESPDKFLEVCTWVDQIAALNDSKTRKTTSETVRAVLDSLSEKK
KSSPAADHHHHHH
;
B,S
3 'polydeoxyribonucleotide'
;(DT)(DT)(DG)(DT)(DT)(DC)(DT)(DC)(DA)(DG)(DG)(DT)(DA)(DC)(DC)(DT)(DC)(DA)(DG)(DC)
(DC)(DA)(DG)(DA)
;
C,T
4 'polydeoxyribonucleotide'
;(DT)(DC)(DT)(DG)(DG)(DC)(DT)(DG)(DA)(DG)(DG)(DT)(DA)(DC)(DC)(DT)(DG)(DA)(DG)(DA)
(DA)(DC)(DA)(DA)
;
E,V
#
# COMPACT_ATOMS: atom_id res chain seq x y z
N ASN A 3 11.45 13.79 -6.29
CA ASN A 3 11.58 12.38 -5.91
C ASN A 3 10.37 11.56 -6.38
N THR A 4 10.67 10.43 -7.01
CA THR A 4 9.63 9.52 -7.50
C THR A 4 9.03 8.72 -6.35
N LYS A 5 7.71 8.64 -6.29
CA LYS A 5 7.07 7.74 -5.34
C LYS A 5 6.57 6.49 -6.05
N TYR A 6 7.04 5.33 -5.60
CA TYR A 6 6.76 4.08 -6.29
C TYR A 6 5.49 3.42 -5.80
N ASN A 7 4.78 2.80 -6.74
CA ASN A 7 3.64 1.95 -6.44
C ASN A 7 4.00 0.90 -5.37
N LYS A 8 3.05 0.61 -4.50
CA LYS A 8 3.29 -0.29 -3.38
C LYS A 8 3.36 -1.78 -3.80
N LYS A 9 2.51 -2.17 -4.75
CA LYS A 9 2.53 -3.53 -5.27
C LYS A 9 3.90 -3.82 -5.85
N PHE A 10 4.48 -2.80 -6.47
CA PHE A 10 5.76 -2.90 -7.17
C PHE A 10 6.91 -3.04 -6.16
N LEU A 11 6.85 -2.26 -5.09
CA LEU A 11 7.87 -2.32 -4.06
C LEU A 11 7.91 -3.66 -3.35
N LEU A 12 6.74 -4.27 -3.15
CA LEU A 12 6.65 -5.56 -2.49
C LEU A 12 7.27 -6.65 -3.36
N TYR A 13 6.84 -6.70 -4.62
CA TYR A 13 7.36 -7.68 -5.55
C TYR A 13 8.88 -7.51 -5.60
N LEU A 14 9.30 -6.27 -5.83
CA LEU A 14 10.70 -5.97 -5.98
C LEU A 14 11.52 -6.36 -4.75
N ALA A 15 10.97 -6.11 -3.56
CA ALA A 15 11.64 -6.48 -2.31
C ALA A 15 11.90 -7.99 -2.24
N GLY A 16 10.96 -8.79 -2.74
CA GLY A 16 11.14 -10.23 -2.78
C GLY A 16 12.25 -10.59 -3.75
N PHE A 17 12.31 -9.86 -4.87
CA PHE A 17 13.29 -10.16 -5.91
C PHE A 17 14.66 -9.73 -5.45
N VAL A 18 14.73 -8.58 -4.79
CA VAL A 18 15.99 -8.09 -4.25
C VAL A 18 16.54 -9.03 -3.16
N ASP A 19 15.66 -9.51 -2.28
CA ASP A 19 16.09 -10.47 -1.26
C ASP A 19 16.57 -11.78 -1.90
N GLY A 20 16.08 -12.06 -3.11
CA GLY A 20 16.49 -13.23 -3.86
C GLY A 20 17.74 -13.00 -4.72
N ASP A 21 17.68 -12.14 -5.73
CA ASP A 21 18.78 -12.04 -6.69
C ASP A 21 19.53 -10.70 -6.62
N GLY A 22 19.16 -9.85 -5.68
CA GLY A 22 19.75 -8.53 -5.59
C GLY A 22 20.90 -8.45 -4.59
N SER A 23 21.45 -7.25 -4.45
CA SER A 23 22.59 -7.08 -3.59
C SER A 23 22.67 -5.63 -3.12
N ILE A 24 22.82 -5.46 -1.81
CA ILE A 24 23.02 -4.13 -1.22
C ILE A 24 24.42 -4.11 -0.64
N ILE A 25 25.28 -3.29 -1.24
CA ILE A 25 26.70 -3.38 -0.98
C ILE A 25 27.33 -2.03 -0.60
N ALA A 26 28.23 -2.05 0.37
CA ALA A 26 29.04 -0.87 0.69
C ALA A 26 30.52 -1.25 0.60
N GLN A 27 31.32 -0.32 0.07
CA GLN A 27 32.73 -0.57 -0.22
C GLN A 27 33.59 0.63 0.17
N ILE A 28 34.82 0.36 0.59
CA ILE A 28 35.81 1.41 0.84
C ILE A 28 36.92 1.18 -0.17
N ASN A 29 37.09 2.15 -1.06
CA ASN A 29 38.03 2.06 -2.17
C ASN A 29 39.22 2.93 -1.88
N PRO A 30 40.41 2.32 -1.80
CA PRO A 30 41.60 3.17 -1.60
C PRO A 30 41.66 4.17 -2.74
N ASN A 31 41.80 5.45 -2.42
CA ASN A 31 41.90 6.48 -3.44
C ASN A 31 42.98 7.47 -3.07
N GLN A 32 43.99 7.60 -3.93
CA GLN A 32 45.13 8.48 -3.67
C GLN A 32 44.75 9.94 -3.40
N SER A 33 43.77 10.45 -4.13
CA SER A 33 43.36 11.84 -4.00
C SER A 33 42.46 12.12 -2.79
N SER A 34 41.56 11.18 -2.49
CA SER A 34 40.57 11.39 -1.44
C SER A 34 41.20 11.85 -0.13
N LYS A 35 40.49 12.72 0.59
CA LYS A 35 41.00 13.34 1.81
C LYS A 35 41.54 12.32 2.81
N PHE A 36 40.80 11.24 3.02
CA PHE A 36 41.22 10.22 3.97
C PHE A 36 41.75 8.97 3.26
N LYS A 37 42.30 9.17 2.07
CA LYS A 37 42.92 8.09 1.30
C LYS A 37 41.94 7.01 0.86
N HIS A 38 40.66 7.24 1.06
CA HIS A 38 39.65 6.27 0.66
C HIS A 38 38.36 6.95 0.20
N ARG A 39 37.65 6.29 -0.71
CA ARG A 39 36.36 6.74 -1.18
C ARG A 39 35.26 5.72 -0.87
N LEU A 40 34.13 6.20 -0.34
CA LEU A 40 32.99 5.33 -0.07
C LEU A 40 32.15 5.10 -1.32
N ARG A 41 31.71 3.86 -1.52
CA ARG A 41 30.82 3.49 -2.62
C ARG A 41 29.64 2.65 -2.14
N LEU A 42 28.44 3.13 -2.44
CA LEU A 42 27.21 2.43 -2.10
C LEU A 42 26.54 1.99 -3.39
N THR A 43 26.21 0.72 -3.48
CA THR A 43 25.60 0.21 -4.70
C THR A 43 24.45 -0.77 -4.47
N PHE A 44 23.37 -0.55 -5.21
CA PHE A 44 22.26 -1.50 -5.29
C PHE A 44 22.36 -2.28 -6.61
N TYR A 45 22.39 -3.61 -6.53
CA TYR A 45 22.52 -4.46 -7.73
C TYR A 45 21.34 -5.40 -7.89
N VAL A 46 20.94 -5.66 -9.14
CA VAL A 46 20.14 -6.86 -9.40
C VAL A 46 20.79 -7.67 -10.53
N THR A 47 21.17 -8.90 -10.21
CA THR A 47 21.84 -9.77 -11.16
C THR A 47 20.86 -10.74 -11.84
N GLN A 48 21.02 -10.91 -13.15
CA GLN A 48 20.20 -11.87 -13.90
C GLN A 48 20.91 -12.26 -15.19
N LYS A 49 20.80 -13.53 -15.54
CA LYS A 49 21.25 -14.07 -16.82
C LYS A 49 20.85 -13.14 -17.99
N THR A 50 21.79 -12.91 -18.91
CA THR A 50 21.61 -11.95 -20.00
C THR A 50 20.41 -12.27 -20.88
N GLN A 51 20.04 -13.54 -20.94
CA GLN A 51 18.82 -13.94 -21.64
C GLN A 51 17.62 -13.19 -21.08
N ARG A 52 17.71 -12.81 -19.82
CA ARG A 52 16.62 -12.07 -19.19
C ARG A 52 16.98 -10.61 -18.97
N ARG A 53 17.81 -10.05 -19.83
CA ARG A 53 18.24 -8.65 -19.69
C ARG A 53 17.04 -7.70 -19.69
N TRP A 54 16.04 -8.00 -20.53
CA TRP A 54 14.82 -7.20 -20.62
C TRP A 54 14.23 -6.95 -19.24
N PHE A 55 14.32 -7.94 -18.36
CA PHE A 55 13.81 -7.79 -17.00
C PHE A 55 14.57 -6.69 -16.23
N LEU A 56 15.89 -6.66 -16.37
CA LEU A 56 16.69 -5.56 -15.80
C LEU A 56 16.38 -4.21 -16.48
N ASP A 57 16.28 -4.22 -17.82
CA ASP A 57 15.88 -3.02 -18.56
C ASP A 57 14.57 -2.43 -18.05
N LYS A 58 13.58 -3.27 -17.76
CA LYS A 58 12.31 -2.75 -17.25
C LYS A 58 12.48 -2.04 -15.92
N LEU A 59 13.47 -2.46 -15.13
CA LEU A 59 13.79 -1.79 -13.88
C LEU A 59 14.31 -0.37 -14.09
N VAL A 60 15.19 -0.20 -15.08
CA VAL A 60 15.65 1.13 -15.43
C VAL A 60 14.43 2.02 -15.72
N ASP A 61 13.48 1.48 -16.48
CA ASP A 61 12.25 2.21 -16.80
C ASP A 61 11.41 2.49 -15.54
N GLU A 62 11.16 1.46 -14.75
CA GLU A 62 10.30 1.55 -13.56
C GLU A 62 10.87 2.31 -12.37
N ILE A 63 12.17 2.16 -12.10
CA ILE A 63 12.82 2.93 -11.04
C ILE A 63 13.18 4.32 -11.56
N GLY A 64 13.30 4.43 -12.88
CA GLY A 64 13.50 5.73 -13.50
C GLY A 64 14.93 6.21 -13.48
N VAL A 65 15.83 5.36 -12.96
CA VAL A 65 17.23 5.72 -12.86
C VAL A 65 18.07 4.43 -12.81
N GLY A 66 19.38 4.56 -13.04
CA GLY A 66 20.30 3.44 -12.97
C GLY A 66 20.69 2.91 -14.34
N TYR A 67 21.55 1.90 -14.39
CA TYR A 67 22.03 1.39 -15.68
C TYR A 67 22.14 -0.14 -15.68
N VAL A 68 22.20 -0.73 -16.86
CA VAL A 68 22.34 -2.18 -17.00
C VAL A 68 23.66 -2.48 -17.69
N ARG A 69 24.48 -3.32 -17.08
CA ARG A 69 25.77 -3.70 -17.67
C ARG A 69 25.84 -5.19 -18.00
N ASP A 70 26.66 -5.53 -18.99
CA ASP A 70 26.92 -6.94 -19.31
C ASP A 70 28.28 -7.40 -18.82
N SER A 71 28.30 -8.52 -18.11
CA SER A 71 29.55 -9.11 -17.62
C SER A 71 29.53 -10.61 -17.90
N GLY A 72 29.83 -10.98 -19.14
CA GLY A 72 29.82 -12.37 -19.55
C GLY A 72 28.45 -12.83 -20.04
N SER A 73 27.97 -13.94 -19.49
CA SER A 73 26.63 -14.45 -19.81
C SER A 73 25.59 -13.88 -18.84
N VAL A 74 26.01 -12.89 -18.08
CA VAL A 74 25.20 -12.39 -16.99
C VAL A 74 25.14 -10.87 -17.05
N SER A 75 23.98 -10.31 -16.72
CA SER A 75 23.82 -8.86 -16.74
C SER A 75 23.45 -8.39 -15.33
N GLN A 76 23.60 -7.09 -15.06
CA GLN A 76 23.21 -6.51 -13.79
C GLN A 76 22.60 -5.11 -13.95
N TYR A 77 21.51 -4.89 -13.24
CA TYR A 77 21.04 -3.56 -13.02
C TYR A 77 21.84 -2.98 -11.86
N VAL A 78 22.30 -1.74 -12.03
CA VAL A 78 23.12 -1.09 -11.01
C VAL A 78 22.61 0.32 -10.71
N LEU A 79 22.53 0.66 -9.43
CA LEU A 79 22.22 2.02 -9.02
C LEU A 79 23.19 2.46 -7.93
N SER A 80 23.91 3.56 -8.16
CA SER A 80 24.89 4.01 -7.18
C SER A 80 24.91 5.52 -6.89
N GLU A 81 24.25 6.32 -7.72
CA GLU A 81 24.11 7.74 -7.42
C GLU A 81 23.43 7.92 -6.07
N ILE A 82 24.07 8.69 -5.19
CA ILE A 82 23.61 8.82 -3.80
C ILE A 82 22.15 9.23 -3.63
N LYS A 83 21.77 10.32 -4.29
CA LYS A 83 20.43 10.89 -4.15
C LYS A 83 19.36 9.89 -4.53
N PRO A 84 19.34 9.50 -5.79
CA PRO A 84 18.32 8.56 -6.27
C PRO A 84 18.35 7.27 -5.45
N LEU A 85 19.53 6.83 -5.05
CA LEU A 85 19.69 5.64 -4.24
C LEU A 85 18.99 5.81 -2.90
N HIS A 86 19.21 6.96 -2.25
CA HIS A 86 18.52 7.26 -1.00
C HIS A 86 17.00 7.22 -1.17
N ASN A 87 16.50 7.89 -2.20
CA ASN A 87 15.05 7.92 -2.47
C ASN A 87 14.47 6.50 -2.66
N PHE A 88 15.15 5.69 -3.46
CA PHE A 88 14.71 4.33 -3.75
C PHE A 88 14.69 3.43 -2.51
N LEU A 89 15.85 3.30 -1.87
CA LEU A 89 15.98 2.46 -0.68
C LEU A 89 15.07 2.82 0.49
N THR A 90 14.86 4.10 0.75
CA THR A 90 13.99 4.47 1.86
C THR A 90 12.58 3.95 1.61
N GLN A 91 12.20 3.86 0.34
CA GLN A 91 10.88 3.33 0.01
C GLN A 91 10.87 1.78 -0.06
N LEU A 92 12.00 1.18 -0.40
CA LEU A 92 12.06 -0.27 -0.50
C LEU A 92 12.15 -0.92 0.88
N GLN A 93 12.92 -0.28 1.75
CA GLN A 93 13.40 -0.90 2.98
C GLN A 93 12.33 -1.49 3.89
N PRO A 94 11.13 -0.87 3.96
CA PRO A 94 10.13 -1.46 4.86
C PRO A 94 9.72 -2.86 4.44
N PHE A 95 9.82 -3.17 3.15
CA PHE A 95 9.34 -4.45 2.64
C PHE A 95 10.40 -5.55 2.59
N LEU A 96 11.66 -5.15 2.74
CA LEU A 96 12.77 -6.09 2.73
C LEU A 96 12.79 -6.96 3.97
N LYS A 97 13.21 -8.21 3.78
CA LYS A 97 13.33 -9.14 4.89
C LYS A 97 14.78 -9.61 5.11
N LEU A 98 15.37 -10.24 4.09
CA LEU A 98 16.75 -10.69 4.23
C LEU A 98 17.75 -9.53 4.21
N LYS A 99 17.39 -8.44 3.55
CA LYS A 99 18.34 -7.36 3.35
C LYS A 99 17.91 -6.02 3.96
N GLN A 100 16.96 -6.08 4.88
CA GLN A 100 16.50 -4.87 5.56
C GLN A 100 17.61 -4.18 6.36
N LYS A 101 18.43 -4.95 7.05
CA LYS A 101 19.53 -4.39 7.82
C LYS A 101 20.49 -3.59 6.92
N GLN A 102 20.97 -4.24 5.86
CA GLN A 102 21.90 -3.62 4.91
C GLN A 102 21.31 -2.30 4.35
N ALA A 103 20.04 -2.34 3.96
CA ALA A 103 19.36 -1.14 3.46
C ALA A 103 19.39 -0.03 4.50
N ASN A 104 19.10 -0.38 5.74
CA ASN A 104 19.10 0.60 6.80
C ASN A 104 20.49 1.13 7.12
N LEU A 105 21.49 0.26 7.11
CA LEU A 105 22.87 0.72 7.32
C LEU A 105 23.33 1.66 6.18
N VAL A 106 22.96 1.33 4.94
CA VAL A 106 23.26 2.17 3.79
C VAL A 106 22.58 3.54 3.91
N LEU A 107 21.32 3.52 4.34
CA LEU A 107 20.56 4.76 4.56
C LEU A 107 21.21 5.64 5.64
N LYS A 108 21.76 5.00 6.66
CA LYS A 108 22.43 5.73 7.74
C LYS A 108 23.74 6.33 7.24
N ILE A 109 24.45 5.58 6.40
CA ILE A 109 25.72 6.04 5.85
C ILE A 109 25.49 7.27 4.98
N ILE A 110 24.50 7.17 4.10
CA ILE A 110 24.14 8.26 3.19
C ILE A 110 23.88 9.55 3.95
N GLU A 111 23.01 9.47 4.96
CA GLU A 111 22.66 10.63 5.76
C GLU A 111 23.83 11.20 6.55
N GLN A 112 24.85 10.37 6.78
CA GLN A 112 26.01 10.80 7.54
C GLN A 112 27.16 11.28 6.64
N LEU A 113 27.00 11.09 5.34
CA LEU A 113 28.06 11.42 4.38
C LEU A 113 28.64 12.84 4.53
N PRO A 114 27.78 13.87 4.59
CA PRO A 114 28.30 15.23 4.78
C PRO A 114 29.27 15.36 5.96
N SER A 115 28.94 14.79 7.11
CA SER A 115 29.79 14.95 8.30
C SER A 115 30.99 14.00 8.34
N ALA A 116 30.90 12.87 7.65
CA ALA A 116 31.99 11.91 7.64
C ALA A 116 33.20 12.52 6.94
N LYS A 117 32.94 13.53 6.12
CA LYS A 117 34.01 14.21 5.39
C LYS A 117 34.77 15.18 6.30
N GLU A 118 34.22 15.44 7.47
CA GLU A 118 34.84 16.35 8.43
C GLU A 118 35.93 15.66 9.24
N SER A 119 35.53 15.04 10.35
CA SER A 119 36.48 14.36 11.22
C SER A 119 36.87 12.98 10.71
N PRO A 120 38.11 12.58 10.97
CA PRO A 120 38.60 11.27 10.56
C PRO A 120 38.00 10.15 11.41
N ASP A 121 37.68 10.47 12.67
CA ASP A 121 37.04 9.52 13.56
C ASP A 121 35.63 9.27 13.02
N LYS A 122 34.98 10.32 12.55
CA LYS A 122 33.66 10.21 11.97
C LYS A 122 33.71 9.33 10.73
N PHE A 123 34.77 9.50 9.93
CA PHE A 123 34.95 8.70 8.74
C PHE A 123 35.21 7.23 9.08
N LEU A 124 36.08 6.99 10.06
CA LEU A 124 36.30 5.63 10.52
C LEU A 124 35.03 5.04 11.06
N GLU A 125 34.21 5.87 11.70
CA GLU A 125 32.91 5.43 12.19
C GLU A 125 32.02 4.92 11.06
N VAL A 126 31.86 5.75 10.03
CA VAL A 126 31.11 5.36 8.85
C VAL A 126 31.64 4.05 8.26
N CYS A 127 32.97 3.95 8.19
CA CYS A 127 33.63 2.73 7.73
C CYS A 127 33.27 1.47 8.54
N THR A 128 32.97 1.62 9.82
CA THR A 128 32.51 0.46 10.61
C THR A 128 31.08 0.04 10.26
N TRP A 129 30.27 0.99 9.82
CA TRP A 129 28.93 0.67 9.33
C TRP A 129 29.03 -0.11 8.02
N VAL A 130 30.09 0.16 7.28
CA VAL A 130 30.39 -0.57 6.07
C VAL A 130 30.79 -2.02 6.40
N ASP A 131 31.57 -2.20 7.48
CA ASP A 131 31.97 -3.54 7.91
C ASP A 131 30.74 -4.39 8.21
N GLN A 132 29.74 -3.76 8.84
CA GLN A 132 28.51 -4.42 9.24
C GLN A 132 27.64 -4.85 8.06
N ILE A 133 27.57 -4.01 7.03
CA ILE A 133 26.84 -4.38 5.83
C ILE A 133 27.48 -5.62 5.22
N ALA A 134 28.81 -5.60 5.15
CA ALA A 134 29.59 -6.73 4.64
C ALA A 134 29.47 -7.96 5.54
N ALA A 135 29.30 -7.73 6.84
CA ALA A 135 29.10 -8.85 7.74
C ALA A 135 27.75 -9.52 7.48
N LEU A 136 26.74 -8.73 7.17
CA LEU A 136 25.41 -9.30 6.88
C LEU A 136 25.33 -10.00 5.51
N ASN A 137 26.19 -9.63 4.58
CA ASN A 137 26.20 -10.22 3.25
C ASN A 137 26.99 -11.53 3.24
N ASP A 138 26.89 -12.28 2.15
CA ASP A 138 27.73 -13.48 1.94
C ASP A 138 29.12 -13.09 1.43
N SER A 139 29.85 -12.31 2.24
CA SER A 139 31.11 -11.71 1.82
C SER A 139 32.23 -12.73 1.69
N LYS A 140 32.96 -12.67 0.59
CA LYS A 140 33.99 -13.67 0.33
C LYS A 140 35.34 -13.11 -0.13
N THR A 141 35.32 -11.96 -0.80
CA THR A 141 36.55 -11.42 -1.37
C THR A 141 36.81 -9.96 -0.99
N ARG A 142 36.34 -9.57 0.21
CA ARG A 142 36.51 -8.21 0.70
C ARG A 142 37.95 -7.96 1.17
N LYS A 143 38.53 -6.85 0.72
CA LYS A 143 39.90 -6.51 1.09
C LYS A 143 39.96 -5.29 1.99
N THR A 144 39.39 -4.18 1.55
CA THR A 144 39.51 -2.95 2.31
C THR A 144 38.43 -2.83 3.37
N THR A 145 38.85 -2.77 4.63
CA THR A 145 37.92 -2.65 5.74
C THR A 145 38.22 -1.41 6.55
N SER A 146 37.49 -1.21 7.64
CA SER A 146 37.67 -0.04 8.49
C SER A 146 39.00 -0.10 9.23
N GLU A 147 39.51 -1.30 9.46
CA GLU A 147 40.80 -1.48 10.11
C GLU A 147 41.89 -1.06 9.13
N THR A 148 41.70 -1.42 7.87
CA THR A 148 42.62 -1.04 6.82
C THR A 148 42.79 0.48 6.82
N VAL A 149 41.66 1.17 6.74
CA VAL A 149 41.65 2.62 6.78
C VAL A 149 42.31 3.11 8.07
N ARG A 150 41.97 2.48 9.18
CA ARG A 150 42.54 2.87 10.46
C ARG A 150 44.06 2.82 10.36
N ALA A 151 44.59 1.73 9.82
CA ALA A 151 46.03 1.56 9.63
C ALA A 151 46.67 2.66 8.77
N VAL A 152 45.93 3.17 7.80
CA VAL A 152 46.45 4.23 6.92
C VAL A 152 46.49 5.59 7.61
N LEU A 153 45.37 5.99 8.19
CA LEU A 153 45.29 7.24 8.93
C LEU A 153 46.21 7.17 10.14
N ASP A 154 47.46 7.55 9.95
CA ASP A 154 48.44 7.58 11.03
C ASP A 154 49.58 8.51 10.66
N SER A 155 49.61 9.68 11.31
CA SER A 155 50.60 10.70 11.02
C SER A 155 50.62 10.99 9.52
N ASN B 3 -10.12 -24.17 1.75
CA ASN B 3 -8.94 -23.64 1.06
C ASN B 3 -8.36 -22.39 1.71
N THR B 4 -7.13 -22.51 2.20
CA THR B 4 -6.42 -21.39 2.82
C THR B 4 -6.30 -20.23 1.84
N LYS B 5 -6.56 -19.02 2.34
CA LYS B 5 -6.42 -17.81 1.53
C LYS B 5 -5.26 -16.99 2.07
N TYR B 6 -4.38 -16.55 1.19
CA TYR B 6 -3.21 -15.79 1.61
C TYR B 6 -3.40 -14.29 1.36
N ASN B 7 -2.90 -13.46 2.26
CA ASN B 7 -2.99 -12.03 2.01
C ASN B 7 -2.10 -11.61 0.85
N GLU B 8 -2.42 -10.46 0.27
CA GLU B 8 -1.79 -10.04 -0.97
C GLU B 8 -0.36 -9.52 -0.77
N GLU B 9 -0.07 -8.95 0.40
CA GLU B 9 1.29 -8.45 0.67
C GLU B 9 2.25 -9.63 0.79
N PHE B 10 1.73 -10.73 1.33
CA PHE B 10 2.48 -11.97 1.46
C PHE B 10 2.80 -12.51 0.08
N LEU B 11 1.75 -12.61 -0.75
CA LEU B 11 1.88 -13.17 -2.08
C LEU B 11 2.74 -12.32 -3.03
N LEU B 12 2.68 -10.99 -2.91
CA LEU B 12 3.52 -10.10 -3.71
C LEU B 12 5.02 -10.30 -3.42
N TYR B 13 5.39 -10.26 -2.14
CA TYR B 13 6.78 -10.46 -1.74
C TYR B 13 7.25 -11.86 -2.12
N LEU B 14 6.42 -12.87 -1.83
CA LEU B 14 6.75 -14.24 -2.15
C LEU B 14 6.95 -14.47 -3.66
N ALA B 15 6.11 -13.87 -4.49
CA ALA B 15 6.33 -14.00 -5.93
C ALA B 15 7.71 -13.48 -6.38
N GLY B 16 8.11 -12.32 -5.85
CA GLY B 16 9.43 -11.78 -6.14
C GLY B 16 10.53 -12.71 -5.68
N PHE B 17 10.36 -13.29 -4.50
CA PHE B 17 11.34 -14.19 -3.95
C PHE B 17 11.40 -15.50 -4.74
N VAL B 18 10.24 -15.95 -5.23
CA VAL B 18 10.12 -17.17 -6.02
C VAL B 18 10.74 -17.00 -7.42
N ASP B 19 10.37 -15.90 -8.08
CA ASP B 19 10.97 -15.51 -9.36
C ASP B 19 12.51 -15.40 -9.28
N SER B 20 13.05 -15.07 -8.10
CA SER B 20 14.51 -14.96 -7.94
C SER B 20 15.15 -16.28 -7.49
N ASP B 21 14.75 -16.81 -6.34
CA ASP B 21 15.46 -17.96 -5.76
C ASP B 21 14.66 -19.23 -5.79
N GLY B 22 13.50 -19.21 -6.43
CA GLY B 22 12.60 -20.35 -6.38
C GLY B 22 12.61 -21.11 -7.68
N SER B 23 11.73 -22.10 -7.78
CA SER B 23 11.73 -23.01 -8.92
C SER B 23 10.43 -23.78 -9.04
N ILE B 24 9.90 -23.80 -10.25
CA ILE B 24 8.69 -24.54 -10.54
C ILE B 24 9.05 -25.65 -11.48
N ILE B 25 8.89 -26.87 -10.99
CA ILE B 25 9.47 -28.05 -11.60
C ILE B 25 8.40 -29.08 -11.96
N ALA B 26 8.45 -29.57 -13.19
CA ALA B 26 7.63 -30.69 -13.63
C ALA B 26 8.55 -31.79 -14.16
N GLN B 27 8.27 -33.04 -13.76
CA GLN B 27 9.17 -34.15 -14.05
C GLN B 27 8.42 -35.39 -14.47
N ILE B 28 9.00 -36.14 -15.41
CA ILE B 28 8.46 -37.44 -15.77
C ILE B 28 9.46 -38.46 -15.28
N LYS B 29 9.01 -39.36 -14.42
CA LYS B 29 9.90 -40.32 -13.81
C LYS B 29 9.58 -41.74 -14.26
N PRO B 30 10.57 -42.39 -14.91
CA PRO B 30 10.46 -43.77 -15.40
C PRO B 30 10.05 -44.70 -14.29
N ARG B 31 9.01 -45.50 -14.52
CA ARG B 31 8.52 -46.40 -13.48
C ARG B 31 7.66 -47.52 -14.06
N GLN B 32 8.23 -48.73 -14.09
CA GLN B 32 7.59 -49.88 -14.73
C GLN B 32 6.22 -50.26 -14.16
N SER B 33 5.99 -49.96 -12.89
CA SER B 33 4.73 -50.34 -12.24
C SER B 33 3.58 -49.39 -12.58
N ASN B 34 3.88 -48.31 -13.28
CA ASN B 34 2.86 -47.32 -13.66
C ASN B 34 2.16 -47.63 -14.97
N LYS B 35 0.87 -47.35 -15.02
CA LYS B 35 0.04 -47.62 -16.18
C LYS B 35 0.78 -47.33 -17.48
N PHE B 36 1.28 -46.10 -17.62
CA PHE B 36 1.99 -45.73 -18.82
C PHE B 36 3.50 -45.70 -18.64
N LYS B 37 3.98 -46.39 -17.60
CA LYS B 37 5.42 -46.62 -17.39
C LYS B 37 6.16 -45.42 -16.80
N HIS B 38 5.42 -44.40 -16.43
CA HIS B 38 6.00 -43.18 -15.91
C HIS B 38 5.10 -42.58 -14.84
N GLN B 39 5.73 -41.86 -13.91
CA GLN B 39 5.02 -41.12 -12.87
C GLN B 39 5.30 -39.65 -13.09
N LEU B 40 4.23 -38.86 -13.09
CA LEU B 40 4.36 -37.42 -13.18
C LEU B 40 4.64 -36.85 -11.79
N SER B 41 5.54 -35.87 -11.73
CA SER B 41 5.91 -35.26 -10.45
C SER B 41 6.02 -33.74 -10.56
N LEU B 42 5.26 -33.05 -9.71
CA LEU B 42 5.24 -31.59 -9.72
C LEU B 42 5.84 -31.07 -8.43
N THR B 43 6.73 -30.09 -8.53
CA THR B 43 7.36 -29.55 -7.34
C THR B 43 7.52 -28.04 -7.37
N PHE B 44 7.13 -27.39 -6.27
CA PHE B 44 7.46 -25.99 -6.03
C PHE B 44 8.60 -25.98 -5.01
N ALA B 45 9.66 -25.24 -5.32
CA ALA B 45 10.87 -25.21 -4.48
C ALA B 45 11.39 -23.81 -4.24
N VAL B 46 11.86 -23.57 -3.01
CA VAL B 46 12.65 -22.38 -2.73
C VAL B 46 13.99 -22.80 -2.11
N THR B 47 15.08 -22.47 -2.78
CA THR B 47 16.41 -22.82 -2.30
C THR B 47 17.06 -21.65 -1.57
N GLN B 48 17.80 -21.96 -0.50
CA GLN B 48 18.57 -20.96 0.24
C GLN B 48 19.67 -21.63 1.09
N LYS B 49 20.83 -21.02 1.13
CA LYS B 49 21.92 -21.39 2.05
C LYS B 49 21.42 -21.79 3.44
N THR B 50 21.86 -22.95 3.91
CA THR B 50 21.44 -23.50 5.19
C THR B 50 21.58 -22.52 6.36
N GLN B 51 22.57 -21.64 6.26
CA GLN B 51 22.70 -20.51 7.18
C GLN B 51 21.38 -19.75 7.37
N ARG B 52 20.55 -19.69 6.34
CA ARG B 52 19.25 -19.00 6.43
C ARG B 52 18.06 -19.96 6.39
N ARG B 53 18.25 -21.18 6.89
CA ARG B 53 17.21 -22.19 6.88
C ARG B 53 15.94 -21.69 7.55
N TRP B 54 16.12 -20.79 8.52
CA TRP B 54 14.99 -20.28 9.29
C TRP B 54 13.99 -19.58 8.38
N PHE B 55 14.53 -18.86 7.38
CA PHE B 55 13.69 -18.12 6.47
C PHE B 55 12.78 -19.10 5.70
N LEU B 56 13.31 -20.27 5.38
CA LEU B 56 12.55 -21.35 4.75
C LEU B 56 11.55 -22.01 5.72
N ASP B 57 11.99 -22.17 6.97
CA ASP B 57 11.12 -22.67 8.04
C ASP B 57 9.90 -21.77 8.21
N LYS B 58 10.09 -20.46 8.17
CA LYS B 58 8.97 -19.51 8.26
C LYS B 58 7.96 -19.77 7.16
N LEU B 59 8.45 -20.05 5.96
CA LEU B 59 7.63 -20.41 4.80
C LEU B 59 6.70 -21.59 5.08
N VAL B 60 7.24 -22.62 5.72
CA VAL B 60 6.42 -23.73 6.14
C VAL B 60 5.24 -23.23 7.00
N ASP B 61 5.57 -22.52 8.07
CA ASP B 61 4.57 -21.95 8.97
C ASP B 61 3.58 -21.06 8.22
N GLU B 62 4.08 -20.18 7.36
CA GLU B 62 3.22 -19.21 6.67
C GLU B 62 2.36 -19.76 5.53
N ILE B 63 2.85 -20.77 4.84
CA ILE B 63 2.10 -21.37 3.75
C ILE B 63 1.16 -22.42 4.32
N GLY B 64 1.56 -23.00 5.45
CA GLY B 64 0.77 -23.99 6.15
C GLY B 64 1.08 -25.43 5.78
N VAL B 65 2.03 -25.63 4.88
CA VAL B 65 2.40 -26.99 4.45
C VAL B 65 3.77 -27.00 3.76
N GLY B 66 4.32 -28.19 3.52
CA GLY B 66 5.60 -28.30 2.87
C GLY B 66 6.66 -28.77 3.84
N TYR B 67 7.87 -28.99 3.33
CA TYR B 67 8.98 -29.46 4.14
C TYR B 67 10.22 -28.66 3.83
N VAL B 68 11.18 -28.69 4.75
CA VAL B 68 12.51 -28.14 4.51
C VAL B 68 13.53 -29.27 4.57
N TYR B 69 14.31 -29.40 3.50
CA TYR B 69 15.32 -30.43 3.40
C TYR B 69 16.70 -29.77 3.38
N ASP B 70 17.70 -30.49 3.92
CA ASP B 70 19.09 -30.04 3.85
C ASP B 70 19.93 -31.01 3.04
N SER B 71 20.88 -30.45 2.27
CA SER B 71 21.83 -31.24 1.50
C SER B 71 23.11 -30.43 1.43
N GLY B 72 24.16 -30.88 2.09
CA GLY B 72 25.38 -30.09 2.15
C GLY B 72 25.14 -28.80 2.91
N SER B 73 25.45 -27.68 2.29
CA SER B 73 25.35 -26.38 2.95
C SER B 73 24.15 -25.60 2.44
N VAL B 74 23.19 -26.30 1.85
CA VAL B 74 22.05 -25.64 1.21
C VAL B 74 20.73 -26.34 1.61
N SER B 75 19.67 -25.55 1.81
CA SER B 75 18.39 -26.12 2.17
C SER B 75 17.34 -25.75 1.12
N ASP B 76 16.23 -26.49 1.11
CA ASP B 76 15.13 -26.21 0.19
C ASP B 76 13.83 -26.33 0.95
N TYR B 77 12.93 -25.36 0.75
CA TYR B 77 11.54 -25.58 1.06
C TYR B 77 10.94 -26.26 -0.17
N ARG B 78 10.15 -27.32 0.05
CA ARG B 78 9.53 -28.04 -1.05
C ARG B 78 8.07 -28.29 -0.78
N LEU B 79 7.27 -28.18 -1.84
CA LEU B 79 5.86 -28.49 -1.81
C LEU B 79 5.51 -29.27 -3.07
N SER B 80 4.99 -30.49 -2.88
CA SER B 80 4.70 -31.35 -4.02
C SER B 80 3.33 -32.01 -3.95
N GLU B 81 2.65 -31.88 -2.81
CA GLU B 81 1.30 -32.45 -2.68
C GLU B 81 0.36 -31.71 -3.62
N ILE B 82 -0.34 -32.46 -4.48
CA ILE B 82 -1.08 -31.87 -5.58
C ILE B 82 -2.11 -30.83 -5.15
N LYS B 83 -2.98 -31.19 -4.22
CA LYS B 83 -4.05 -30.31 -3.78
C LYS B 83 -3.51 -28.96 -3.31
N PRO B 84 -2.80 -28.99 -2.18
CA PRO B 84 -2.22 -27.77 -1.59
C PRO B 84 -1.42 -26.98 -2.64
N LEU B 85 -0.69 -27.72 -3.47
CA LEU B 85 0.09 -27.11 -4.55
C LEU B 85 -0.82 -26.30 -5.48
N HIS B 86 -1.93 -26.91 -5.89
CA HIS B 86 -2.90 -26.24 -6.74
C HIS B 86 -3.45 -24.97 -6.09
N ASN B 87 -3.80 -25.06 -4.82
CA ASN B 87 -4.36 -23.90 -4.11
C ASN B 87 -3.37 -22.75 -3.98
N PHE B 88 -2.17 -23.08 -3.49
CA PHE B 88 -1.08 -22.13 -3.40
C PHE B 88 -0.75 -21.45 -4.73
N LEU B 89 -0.43 -22.25 -5.75
CA LEU B 89 -0.08 -21.71 -7.06
C LEU B 89 -1.17 -20.83 -7.69
N THR B 90 -2.44 -21.24 -7.58
CA THR B 90 -3.55 -20.46 -8.14
C THR B 90 -3.56 -19.05 -7.58
N GLN B 91 -3.22 -18.94 -6.30
CA GLN B 91 -3.20 -17.65 -5.65
C GLN B 91 -1.91 -16.90 -5.93
N LEU B 92 -0.84 -17.64 -6.22
CA LEU B 92 0.45 -17.01 -6.42
C LEU B 92 0.63 -16.47 -7.85
N GLN B 93 0.05 -17.17 -8.83
CA GLN B 93 0.41 -16.92 -10.23
C GLN B 93 0.14 -15.53 -10.80
N PRO B 94 -0.89 -14.82 -10.28
CA PRO B 94 -1.11 -13.46 -10.82
C PRO B 94 0.08 -12.53 -10.60
N PHE B 95 0.87 -12.80 -9.56
CA PHE B 95 1.94 -11.89 -9.21
C PHE B 95 3.31 -12.32 -9.75
N LEU B 96 3.38 -13.50 -10.35
CA LEU B 96 4.65 -13.97 -10.89
C LEU B 96 4.99 -13.25 -12.19
N LYS B 97 6.26 -12.94 -12.36
CA LYS B 97 6.72 -12.28 -13.58
C LYS B 97 7.60 -13.20 -14.41
N LEU B 98 8.60 -13.83 -13.81
CA LEU B 98 9.48 -14.70 -14.58
C LEU B 98 8.94 -16.14 -14.71
N LYS B 99 8.14 -16.57 -13.75
CA LYS B 99 7.67 -17.95 -13.74
C LYS B 99 6.15 -18.08 -13.89
N GLN B 100 5.50 -17.03 -14.38
CA GLN B 100 4.06 -17.09 -14.53
C GLN B 100 3.60 -18.24 -15.42
N LYS B 101 4.26 -18.43 -16.55
CA LYS B 101 3.81 -19.46 -17.49
C LYS B 101 3.97 -20.86 -16.89
N GLN B 102 5.08 -21.09 -16.21
CA GLN B 102 5.37 -22.37 -15.59
C GLN B 102 4.24 -22.70 -14.61
N ALA B 103 3.86 -21.71 -13.81
CA ALA B 103 2.82 -21.90 -12.81
C ALA B 103 1.49 -22.24 -13.49
N ASN B 104 1.20 -21.55 -14.60
CA ASN B 104 -0.01 -21.84 -15.38
C ASN B 104 0.06 -23.20 -16.03
N LEU B 105 1.24 -23.60 -16.47
CA LEU B 105 1.37 -24.93 -17.06
C LEU B 105 1.11 -26.02 -16.02
N VAL B 106 1.60 -25.79 -14.80
CA VAL B 106 1.42 -26.75 -13.71
C VAL B 106 -0.05 -26.87 -13.31
N LEU B 107 -0.73 -25.72 -13.21
CA LEU B 107 -2.14 -25.71 -12.87
C LEU B 107 -2.96 -26.47 -13.92
N LYS B 108 -2.58 -26.35 -15.19
CA LYS B 108 -3.26 -27.05 -16.26
C LYS B 108 -2.93 -28.55 -16.24
N ILE B 109 -1.73 -28.91 -15.83
CA ILE B 109 -1.43 -30.34 -15.71
C ILE B 109 -2.28 -30.94 -14.59
N ILE B 110 -2.36 -30.24 -13.46
CA ILE B 110 -3.07 -30.72 -12.29
C ILE B 110 -4.54 -30.97 -12.62
N GLU B 111 -5.17 -29.97 -13.23
CA GLU B 111 -6.59 -30.06 -13.54
C GLU B 111 -6.90 -31.18 -14.52
N GLN B 112 -5.94 -31.48 -15.41
CA GLN B 112 -6.15 -32.49 -16.43
C GLN B 112 -5.64 -33.86 -15.98
N LEU B 113 -5.10 -33.93 -14.77
CA LEU B 113 -4.52 -35.17 -14.28
C LEU B 113 -5.46 -36.38 -14.40
N PRO B 114 -6.66 -36.29 -13.82
CA PRO B 114 -7.61 -37.41 -13.93
C PRO B 114 -7.69 -38.02 -15.34
N SER B 115 -7.96 -37.19 -16.35
CA SER B 115 -8.10 -37.67 -17.74
C SER B 115 -6.79 -38.20 -18.33
N ALA B 116 -5.67 -37.61 -17.93
CA ALA B 116 -4.38 -38.05 -18.44
C ALA B 116 -4.11 -39.47 -17.99
N LYS B 117 -4.83 -39.89 -16.96
CA LYS B 117 -4.64 -41.23 -16.41
C LYS B 117 -5.48 -42.27 -17.15
N GLU B 118 -6.30 -41.82 -18.09
CA GLU B 118 -7.20 -42.71 -18.81
C GLU B 118 -6.77 -43.12 -20.21
N SER B 119 -6.01 -42.25 -20.88
CA SER B 119 -5.59 -42.53 -22.26
C SER B 119 -4.17 -42.06 -22.54
N PRO B 120 -3.35 -42.91 -23.17
CA PRO B 120 -1.94 -42.68 -23.45
C PRO B 120 -1.72 -41.38 -24.22
N ASP B 121 -2.57 -41.15 -25.21
CA ASP B 121 -2.46 -39.94 -26.03
C ASP B 121 -2.62 -38.71 -25.15
N LYS B 122 -3.51 -38.80 -24.16
CA LYS B 122 -3.74 -37.70 -23.24
C LYS B 122 -2.58 -37.54 -22.27
N PHE B 123 -2.03 -38.66 -21.81
CA PHE B 123 -0.84 -38.66 -20.96
C PHE B 123 0.34 -38.02 -21.71
N LEU B 124 0.61 -38.51 -22.93
CA LEU B 124 1.65 -37.92 -23.78
C LEU B 124 1.45 -36.41 -23.93
N GLU B 125 0.21 -36.01 -24.10
CA GLU B 125 -0.13 -34.59 -24.20
C GLU B 125 0.32 -33.82 -22.96
N VAL B 126 -0.05 -34.31 -21.78
CA VAL B 126 0.35 -33.66 -20.54
C VAL B 126 1.88 -33.67 -20.43
N CYS B 127 2.51 -34.68 -21.01
CA CYS B 127 3.96 -34.76 -21.03
C CYS B 127 4.58 -33.63 -21.86
N THR B 128 3.87 -33.18 -22.90
CA THR B 128 4.38 -32.05 -23.69
C THR B 128 4.28 -30.73 -22.92
N TRP B 129 3.24 -30.60 -22.09
CA TRP B 129 3.18 -29.46 -21.19
C TRP B 129 4.36 -29.45 -20.24
N VAL B 130 4.80 -30.63 -19.81
CA VAL B 130 5.96 -30.75 -18.94
C VAL B 130 7.21 -30.29 -19.69
N ASP B 131 7.33 -30.68 -20.96
CA ASP B 131 8.44 -30.24 -21.80
C ASP B 131 8.51 -28.72 -21.83
N GLN B 132 7.35 -28.09 -21.90
CA GLN B 132 7.27 -26.63 -22.01
C GLN B 132 7.74 -25.96 -20.73
N ILE B 133 7.43 -26.56 -19.59
CA ILE B 133 7.86 -25.98 -18.32
C ILE B 133 9.38 -26.00 -18.30
N ALA B 134 9.96 -27.13 -18.66
CA ALA B 134 11.41 -27.31 -18.64
C ALA B 134 12.06 -26.36 -19.63
N ALA B 135 11.40 -26.11 -20.76
CA ALA B 135 11.92 -25.16 -21.75
C ALA B 135 11.97 -23.72 -21.20
N LEU B 136 11.02 -23.37 -20.35
CA LEU B 136 10.99 -22.04 -19.77
C LEU B 136 12.02 -21.92 -18.65
N ASN B 137 12.26 -23.02 -17.96
CA ASN B 137 13.27 -23.05 -16.90
C ASN B 137 14.70 -23.00 -17.48
N ASP B 138 15.70 -22.76 -16.63
CA ASP B 138 17.09 -22.88 -17.07
C ASP B 138 17.53 -24.37 -17.02
N SER B 139 16.81 -25.23 -17.73
CA SER B 139 17.08 -26.68 -17.71
C SER B 139 18.51 -27.09 -18.17
N LYS B 140 19.16 -27.98 -17.42
CA LYS B 140 20.56 -28.36 -17.70
C LYS B 140 20.89 -29.86 -17.60
N THR B 141 20.08 -30.62 -16.87
CA THR B 141 20.36 -32.05 -16.70
C THR B 141 19.12 -32.90 -16.94
N ARG B 142 18.19 -32.40 -17.72
CA ARG B 142 16.96 -33.12 -17.98
C ARG B 142 17.21 -34.39 -18.82
N LYS B 143 16.51 -35.47 -18.50
CA LYS B 143 16.71 -36.75 -19.18
C LYS B 143 15.43 -37.30 -19.79
N THR B 144 14.40 -37.48 -18.97
CA THR B 144 13.15 -38.05 -19.44
C THR B 144 12.22 -36.97 -19.97
N THR B 145 11.82 -37.10 -21.23
CA THR B 145 10.95 -36.11 -21.85
C THR B 145 9.73 -36.78 -22.45
N SER B 146 8.86 -35.99 -23.08
CA SER B 146 7.71 -36.56 -23.76
C SER B 146 8.16 -37.54 -24.85
N GLU B 147 9.26 -37.25 -25.54
CA GLU B 147 9.77 -38.17 -26.56
C GLU B 147 10.15 -39.54 -25.99
N THR B 148 10.79 -39.54 -24.81
CA THR B 148 11.13 -40.76 -24.09
C THR B 148 9.86 -41.59 -23.92
N VAL B 149 8.83 -40.93 -23.39
CA VAL B 149 7.56 -41.55 -23.11
C VAL B 149 6.92 -42.11 -24.37
N ARG B 150 7.04 -41.36 -25.45
CA ARG B 150 6.44 -41.77 -26.72
C ARG B 150 7.09 -43.05 -27.27
N ALA B 151 8.42 -43.09 -27.28
CA ALA B 151 9.14 -44.26 -27.77
C ALA B 151 8.93 -45.51 -26.90
N VAL B 152 8.60 -45.32 -25.63
CA VAL B 152 8.31 -46.45 -24.76
C VAL B 152 6.90 -46.99 -25.00
N LEU B 153 5.94 -46.09 -25.13
CA LEU B 153 4.57 -46.50 -25.42
C LEU B 153 4.46 -47.12 -26.80
N ASP B 154 5.33 -46.71 -27.71
CA ASP B 154 5.37 -47.31 -29.05
C ASP B 154 5.86 -48.75 -29.02
N SER B 155 5.67 -49.43 -27.89
CA SER B 155 6.06 -50.84 -27.77
C SER B 155 5.12 -51.59 -26.84
N ASN E 3 -19.18 41.95 5.83
CA ASN E 3 -18.93 40.52 5.93
C ASN E 3 -20.06 39.69 5.33
N THR E 4 -19.69 38.62 4.62
CA THR E 4 -20.69 37.75 4.04
C THR E 4 -21.36 36.92 5.12
N LYS E 5 -22.68 36.81 5.03
CA LYS E 5 -23.45 35.97 5.93
C LYS E 5 -23.81 34.69 5.18
N TYR E 6 -23.32 33.56 5.70
CA TYR E 6 -23.60 32.27 5.08
C TYR E 6 -24.87 31.63 5.65
N ASN E 7 -25.66 30.99 4.79
CA ASN E 7 -26.89 30.41 5.29
C ASN E 7 -26.66 29.15 6.12
N LYS E 8 -27.53 28.95 7.10
CA LYS E 8 -27.30 27.98 8.16
C LYS E 8 -27.23 26.51 7.68
N LYS E 9 -28.05 26.13 6.69
CA LYS E 9 -28.06 24.73 6.24
C LYS E 9 -26.74 24.42 5.57
N PHE E 10 -26.27 25.37 4.77
CA PHE E 10 -25.01 25.25 4.09
C PHE E 10 -23.89 25.05 5.11
N LEU E 11 -23.94 25.82 6.19
CA LEU E 11 -22.90 25.74 7.21
C LEU E 11 -22.95 24.42 8.00
N LEU E 12 -24.15 23.89 8.18
CA LEU E 12 -24.36 22.64 8.88
C LEU E 12 -23.74 21.49 8.06
N TYR E 13 -24.10 21.44 6.78
CA TYR E 13 -23.54 20.44 5.88
C TYR E 13 -22.02 20.54 5.82
N LEU E 14 -21.53 21.76 5.62
CA LEU E 14 -20.10 22.01 5.47
C LEU E 14 -19.30 21.64 6.73
N ALA E 15 -19.85 21.90 7.91
CA ALA E 15 -19.19 21.50 9.16
C ALA E 15 -18.90 19.99 9.21
N GLY E 16 -19.88 19.19 8.79
CA GLY E 16 -19.73 17.75 8.74
C GLY E 16 -18.67 17.33 7.73
N PHE E 17 -18.62 18.03 6.59
CA PHE E 17 -17.64 17.70 5.56
C PHE E 17 -16.24 18.11 5.99
N VAL E 18 -16.14 19.25 6.65
CA VAL E 18 -14.88 19.72 7.23
C VAL E 18 -14.39 18.81 8.35
N ASP E 19 -15.29 18.41 9.24
CA ASP E 19 -14.94 17.43 10.28
C ASP E 19 -14.48 16.10 9.66
N GLY E 20 -15.01 15.80 8.47
CA GLY E 20 -14.61 14.62 7.72
C GLY E 20 -13.32 14.82 6.90
N ASP E 21 -13.35 15.65 5.87
CA ASP E 21 -12.24 15.72 4.93
C ASP E 21 -11.47 17.03 5.01
N GLY E 22 -11.83 17.88 5.97
CA GLY E 22 -11.20 19.18 6.08
C GLY E 22 -10.06 19.21 7.07
N SER E 23 -9.46 20.39 7.19
CA SER E 23 -8.31 20.58 8.06
C SER E 23 -8.20 22.04 8.47
N ILE E 24 -7.95 22.25 9.76
CA ILE E 24 -7.77 23.59 10.28
C ILE E 24 -6.34 23.64 10.81
N ILE E 25 -5.53 24.45 10.15
CA ILE E 25 -4.08 24.36 10.32
C ILE E 25 -3.47 25.70 10.75
N ALA E 26 -2.66 25.66 11.80
CA ALA E 26 -1.85 26.80 12.19
C ALA E 26 -0.38 26.42 12.09
N GLN E 27 0.43 27.32 11.51
CA GLN E 27 1.84 27.05 11.28
C GLN E 27 2.74 28.21 11.68
N ILE E 28 3.94 27.89 12.16
CA ILE E 28 4.99 28.88 12.36
C ILE E 28 6.08 28.64 11.32
N ASN E 29 6.33 29.65 10.49
CA ASN E 29 7.30 29.56 9.40
C ASN E 29 8.57 30.34 9.74
N PRO E 30 9.72 29.65 9.80
CA PRO E 30 10.97 30.41 10.02
C PRO E 30 11.20 31.42 8.89
N ASN E 31 11.54 32.65 9.26
CA ASN E 31 11.68 33.70 8.28
C ASN E 31 12.50 34.86 8.83
N GLN E 32 13.75 34.97 8.38
CA GLN E 32 14.66 35.99 8.88
C GLN E 32 14.07 37.39 8.78
N SER E 33 13.39 37.67 7.67
CA SER E 33 12.80 38.99 7.44
C SER E 33 11.95 39.47 8.62
N SER E 34 11.12 38.58 9.15
CA SER E 34 10.09 38.94 10.13
C SER E 34 10.65 39.42 11.48
N LYS E 35 9.91 40.31 12.12
CA LYS E 35 10.33 40.92 13.39
C LYS E 35 10.79 39.89 14.44
N PHE E 36 10.11 38.76 14.51
CA PHE E 36 10.47 37.74 15.49
C PHE E 36 11.06 36.49 14.84
N LYS E 37 11.57 36.65 13.63
CA LYS E 37 12.22 35.56 12.91
C LYS E 37 11.24 34.44 12.52
N HIS E 38 9.96 34.75 12.55
CA HIS E 38 8.94 33.77 12.18
C HIS E 38 7.68 34.43 11.66
N ARG E 39 7.04 33.77 10.69
CA ARG E 39 5.79 34.24 10.15
C ARG E 39 4.67 33.24 10.49
N LEU E 40 3.58 33.73 11.06
CA LEU E 40 2.44 32.86 11.34
C LEU E 40 1.59 32.65 10.09
N ARG E 41 1.15 31.41 9.88
CA ARG E 41 0.23 31.08 8.79
C ARG E 41 -0.96 30.29 9.32
N LEU E 42 -2.16 30.74 8.97
CA LEU E 42 -3.39 30.03 9.31
C LEU E 42 -4.05 29.56 8.03
N THR E 43 -4.44 28.28 7.97
CA THR E 43 -5.05 27.76 6.75
C THR E 43 -6.26 26.84 7.00
N PHE E 44 -7.35 27.15 6.32
CA PHE E 44 -8.48 26.23 6.22
C PHE E 44 -8.33 25.46 4.91
N TYR E 45 -8.40 24.14 4.99
CA TYR E 45 -8.22 23.25 3.84
C TYR E 45 -9.41 22.29 3.72
N VAL E 46 -9.79 21.96 2.49
CA VAL E 46 -10.62 20.79 2.25
C VAL E 46 -9.99 19.99 1.12
N THR E 47 -9.65 18.74 1.40
CA THR E 47 -8.98 17.89 0.42
C THR E 47 -9.97 16.95 -0.30
N GLN E 48 -9.78 16.72 -1.59
CA GLN E 48 -10.61 15.77 -2.33
C GLN E 48 -9.91 15.34 -3.61
N LYS E 49 -10.04 14.06 -3.94
CA LYS E 49 -9.61 13.52 -5.22
C LYS E 49 -9.91 14.47 -6.38
N THR E 50 -8.93 14.71 -7.22
CA THR E 50 -9.07 15.67 -8.32
C THR E 50 -10.28 15.34 -9.20
N GLN E 51 -10.57 14.05 -9.31
CA GLN E 51 -11.77 13.59 -9.99
C GLN E 51 -13.03 14.36 -9.51
N ARG E 52 -12.99 14.83 -8.27
CA ARG E 52 -14.11 15.59 -7.70
C ARG E 52 -13.74 17.06 -7.41
N ARG E 53 -12.82 17.59 -8.20
CA ARG E 53 -12.38 18.97 -8.06
C ARG E 53 -13.55 19.95 -8.16
N TRP E 54 -14.58 19.59 -8.93
CA TRP E 54 -15.78 20.43 -9.07
C TRP E 54 -16.43 20.74 -7.73
N PHE E 55 -16.35 19.81 -6.80
CA PHE E 55 -16.93 20.00 -5.48
C PHE E 55 -16.17 21.12 -4.74
N LEU E 56 -14.84 21.13 -4.87
CA LEU E 56 -14.01 22.21 -4.33
C LEU E 56 -14.23 23.56 -5.05
N ASP E 57 -14.36 23.53 -6.37
CA ASP E 57 -14.75 24.70 -7.15
C ASP E 57 -16.05 25.33 -6.65
N LYS E 58 -17.05 24.50 -6.36
CA LYS E 58 -18.32 25.01 -5.86
C LYS E 58 -18.10 25.74 -4.54
N LEU E 59 -17.20 25.21 -3.72
CA LEU E 59 -16.83 25.84 -2.46
C LEU E 59 -16.32 27.27 -2.70
N VAL E 60 -15.44 27.40 -3.68
CA VAL E 60 -14.93 28.71 -4.07
C VAL E 60 -16.10 29.63 -4.36
N ASP E 61 -17.04 29.15 -5.18
CA ASP E 61 -18.24 29.89 -5.49
C ASP E 61 -19.03 30.26 -4.23
N GLU E 62 -19.40 29.24 -3.46
CA GLU E 62 -20.28 29.41 -2.30
C GLU E 62 -19.65 30.17 -1.13
N ILE E 63 -18.34 30.07 -0.98
CA ILE E 63 -17.66 30.81 0.09
C ILE E 63 -17.23 32.20 -0.41
N GLY E 64 -16.98 32.30 -1.71
CA GLY E 64 -16.71 33.58 -2.34
C GLY E 64 -15.29 34.03 -2.13
N VAL E 65 -14.42 33.08 -1.81
CA VAL E 65 -13.03 33.41 -1.55
C VAL E 65 -12.23 32.10 -1.43
N GLY E 66 -10.90 32.21 -1.46
CA GLY E 66 -10.03 31.04 -1.40
C GLY E 66 -9.71 30.53 -2.80
N TYR E 67 -9.00 29.40 -2.89
CA TYR E 67 -8.53 28.90 -4.18
C TYR E 67 -8.41 27.38 -4.16
N VAL E 68 -8.34 26.77 -5.33
CA VAL E 68 -8.19 25.33 -5.43
C VAL E 68 -6.88 25.01 -6.08
N ARG E 69 -6.11 24.10 -5.49
CA ARG E 69 -4.81 23.73 -6.03
C ARG E 69 -4.85 22.25 -6.38
N ASP E 70 -4.10 21.88 -7.43
CA ASP E 70 -3.92 20.48 -7.79
C ASP E 70 -2.51 20.07 -7.41
N SER E 71 -2.39 18.85 -6.88
CA SER E 71 -1.09 18.27 -6.53
C SER E 71 -1.20 16.75 -6.65
N GLY E 72 -0.73 16.20 -7.76
CA GLY E 72 -0.86 14.77 -7.99
C GLY E 72 -2.28 14.42 -8.38
N SER E 73 -2.85 13.42 -7.71
CA SER E 73 -4.19 12.95 -8.07
C SER E 73 -5.23 13.57 -7.16
N VAL E 74 -4.79 14.54 -6.37
CA VAL E 74 -5.65 15.09 -5.32
C VAL E 74 -5.67 16.62 -5.41
N SER E 75 -6.79 17.22 -5.04
CA SER E 75 -6.90 18.67 -5.06
C SER E 75 -7.22 19.16 -3.64
N GLN E 76 -7.22 20.48 -3.47
CA GLN E 76 -7.50 21.08 -2.16
C GLN E 76 -8.06 22.46 -2.32
N TYR E 77 -9.16 22.72 -1.62
CA TYR E 77 -9.59 24.08 -1.40
C TYR E 77 -8.71 24.61 -0.27
N VAL E 78 -8.16 25.81 -0.45
CA VAL E 78 -7.38 26.44 0.60
C VAL E 78 -7.87 27.87 0.84
N LEU E 79 -8.00 28.25 2.10
CA LEU E 79 -8.36 29.62 2.48
C LEU E 79 -7.43 30.07 3.60
N SER E 80 -6.72 31.18 3.40
CA SER E 80 -5.73 31.59 4.38
C SER E 80 -5.61 33.10 4.56
N GLU E 81 -6.39 33.87 3.80
CA GLU E 81 -6.44 35.30 4.00
C GLU E 81 -7.15 35.57 5.33
N ILE E 82 -6.49 36.33 6.20
CA ILE E 82 -6.94 36.45 7.58
C ILE E 82 -8.39 36.95 7.77
N LYS E 83 -8.74 38.02 7.08
CA LYS E 83 -10.07 38.62 7.20
C LYS E 83 -11.19 37.62 6.88
N PRO E 84 -11.23 37.16 5.64
CA PRO E 84 -12.27 36.23 5.20
C PRO E 84 -12.28 34.97 6.08
N LEU E 85 -11.09 34.53 6.46
CA LEU E 85 -10.94 33.37 7.31
C LEU E 85 -11.65 33.60 8.64
N HIS E 86 -11.37 34.72 9.27
CA HIS E 86 -12.02 35.06 10.53
C HIS E 86 -13.54 35.04 10.31
N ASN E 87 -14.00 35.76 9.29
CA ASN E 87 -15.42 35.82 8.99
C ASN E 87 -16.07 34.43 8.75
N PHE E 88 -15.42 33.61 7.93
CA PHE E 88 -15.94 32.30 7.60
C PHE E 88 -15.96 31.34 8.79
N LEU E 89 -14.88 31.28 9.55
CA LEU E 89 -14.80 30.39 10.69
C LEU E 89 -15.76 30.72 11.85
N THR E 90 -15.90 31.99 12.22
CA THR E 90 -16.81 32.27 13.34
C THR E 90 -18.25 31.85 13.04
N GLN E 91 -18.61 31.83 11.76
CA GLN E 91 -19.90 31.29 11.34
C GLN E 91 -19.89 29.77 11.30
N LEU E 92 -18.74 29.18 10.96
CA LEU E 92 -18.69 27.73 10.88
C LEU E 92 -18.64 27.10 12.27
N GLN E 93 -17.95 27.76 13.19
CA GLN E 93 -17.54 27.11 14.43
C GLN E 93 -18.64 26.49 15.33
N PRO E 94 -19.83 27.13 15.43
CA PRO E 94 -20.90 26.55 16.25
C PRO E 94 -21.30 25.13 15.81
N PHE E 95 -21.09 24.81 14.55
CA PHE E 95 -21.60 23.57 14.01
C PHE E 95 -20.55 22.45 13.98
N LEU E 96 -19.28 22.84 14.11
CA LEU E 96 -18.20 21.89 14.14
C LEU E 96 -18.26 21.00 15.37
N LYS E 97 -17.90 19.73 15.18
CA LYS E 97 -17.81 18.81 16.30
C LYS E 97 -16.36 18.40 16.57
N LEU E 98 -15.73 17.70 15.64
CA LEU E 98 -14.34 17.27 15.82
C LEU E 98 -13.31 18.42 15.76
N LYS E 99 -13.58 19.45 14.96
CA LYS E 99 -12.58 20.51 14.79
C LYS E 99 -12.95 21.85 15.44
N GLN E 100 -13.90 21.81 16.37
CA GLN E 100 -14.41 23.03 16.99
C GLN E 100 -13.37 23.76 17.84
N LYS E 101 -12.57 23.00 18.58
CA LYS E 101 -11.52 23.62 19.39
C LYS E 101 -10.43 24.28 18.53
N GLN E 102 -10.02 23.61 17.44
CA GLN E 102 -9.06 24.18 16.48
C GLN E 102 -9.59 25.48 15.89
N ALA E 103 -10.88 25.49 15.54
CA ALA E 103 -11.49 26.66 14.96
C ALA E 103 -11.43 27.82 15.97
N ASN E 104 -11.72 27.51 17.22
CA ASN E 104 -11.73 28.49 18.29
C ASN E 104 -10.35 29.02 18.59
N LEU E 105 -9.37 28.13 18.59
CA LEU E 105 -7.97 28.53 18.76
C LEU E 105 -7.53 29.48 17.65
N VAL E 106 -7.93 29.18 16.41
CA VAL E 106 -7.58 30.01 15.26
C VAL E 106 -8.21 31.41 15.38
N LEU E 107 -9.48 31.44 15.75
CA LEU E 107 -10.22 32.68 15.96
C LEU E 107 -9.58 33.55 17.03
N LYS E 108 -9.07 32.91 18.08
CA LYS E 108 -8.40 33.62 19.16
C LYS E 108 -7.08 34.19 18.64
N ILE E 109 -6.31 33.36 17.95
CA ILE E 109 -5.05 33.81 17.36
C ILE E 109 -5.23 35.00 16.42
N ILE E 110 -6.29 34.97 15.61
CA ILE E 110 -6.55 36.04 14.67
C ILE E 110 -6.83 37.35 15.40
N GLU E 111 -7.59 37.27 16.48
CA GLU E 111 -7.95 38.45 17.26
C GLU E 111 -6.77 39.00 18.06
N GLN E 112 -5.77 38.15 18.30
CA GLN E 112 -4.63 38.55 19.13
C GLN E 112 -3.41 38.92 18.29
N LEU E 113 -3.55 38.82 16.98
CA LEU E 113 -2.42 39.01 16.08
C LEU E 113 -1.75 40.39 16.22
N PRO E 114 -2.54 41.48 16.12
CA PRO E 114 -1.97 42.82 16.28
C PRO E 114 -1.03 42.91 17.48
N SER E 115 -1.51 42.50 18.64
CA SER E 115 -0.73 42.54 19.88
C SER E 115 0.49 41.63 19.85
N ALA E 116 0.29 40.42 19.32
CA ALA E 116 1.36 39.44 19.24
C ALA E 116 2.56 40.01 18.51
N LYS E 117 2.28 40.88 17.54
CA LYS E 117 3.33 41.54 16.77
C LYS E 117 4.11 42.55 17.61
N GLU E 118 3.42 43.19 18.56
CA GLU E 118 4.03 44.22 19.40
C GLU E 118 5.04 43.67 20.40
N SER E 119 4.63 42.67 21.17
CA SER E 119 5.49 42.10 22.20
C SER E 119 5.98 40.71 21.84
N PRO E 120 7.22 40.38 22.21
CA PRO E 120 7.84 39.07 22.06
C PRO E 120 7.14 38.00 22.91
N ASP E 121 6.94 38.29 24.18
CA ASP E 121 6.27 37.36 25.08
C ASP E 121 4.87 37.06 24.57
N LYS E 122 4.23 38.07 23.99
CA LYS E 122 2.89 37.92 23.44
C LYS E 122 2.89 37.06 22.18
N PHE E 123 3.96 37.18 21.38
CA PHE E 123 4.10 36.33 20.21
C PHE E 123 4.30 34.89 20.64
N LEU E 124 5.13 34.68 21.66
CA LEU E 124 5.36 33.32 22.12
C LEU E 124 4.04 32.72 22.59
N GLU E 125 3.24 33.51 23.28
CA GLU E 125 1.96 33.04 23.78
C GLU E 125 1.06 32.55 22.65
N VAL E 126 0.88 33.39 21.63
CA VAL E 126 0.15 33.01 20.43
C VAL E 126 0.70 31.71 19.83
N CYS E 127 2.03 31.60 19.83
CA CYS E 127 2.72 30.40 19.34
C CYS E 127 2.37 29.14 20.14
N THR E 128 2.12 29.26 21.44
CA THR E 128 1.65 28.12 22.22
C THR E 128 0.23 27.71 21.81
N TRP E 129 -0.59 28.68 21.41
CA TRP E 129 -1.93 28.38 20.91
C TRP E 129 -1.80 27.63 19.60
N VAL E 130 -0.75 27.93 18.86
CA VAL E 130 -0.49 27.22 17.62
C VAL E 130 -0.18 25.73 17.94
N ASP E 131 0.67 25.50 18.94
CA ASP E 131 0.98 24.16 19.43
C ASP E 131 -0.30 23.37 19.75
N GLN E 132 -1.27 24.04 20.37
CA GLN E 132 -2.52 23.40 20.80
C GLN E 132 -3.39 22.95 19.64
N ILE E 133 -3.39 23.72 18.56
CA ILE E 133 -4.10 23.33 17.36
C ILE E 133 -3.50 22.05 16.78
N ALA E 134 -2.17 22.01 16.70
CA ALA E 134 -1.48 20.84 16.20
C ALA E 134 -1.73 19.61 17.08
N ALA E 135 -1.69 19.79 18.39
CA ALA E 135 -1.95 18.69 19.33
C ALA E 135 -3.32 18.06 19.10
N LEU E 136 -4.31 18.89 18.81
CA LEU E 136 -5.67 18.40 18.56
C LEU E 136 -5.75 17.69 17.23
N ASN E 137 -4.92 18.10 16.29
CA ASN E 137 -4.87 17.50 14.96
C ASN E 137 -4.16 16.16 14.97
N ASP E 138 -4.32 15.39 13.90
CA ASP E 138 -3.55 14.16 13.72
C ASP E 138 -2.15 14.54 13.19
N SER E 139 -1.44 15.37 13.95
CA SER E 139 -0.13 15.91 13.54
C SER E 139 0.98 14.85 13.45
N LYS E 140 1.74 14.87 12.36
CA LYS E 140 2.72 13.82 12.07
C LYS E 140 4.07 14.31 11.54
N THR E 141 4.11 15.44 10.87
CA THR E 141 5.38 15.90 10.29
C THR E 141 5.78 17.32 10.70
N ARG E 142 5.26 17.77 11.84
CA ARG E 142 5.48 19.12 12.34
C ARG E 142 6.93 19.36 12.78
N LYS E 143 7.51 20.51 12.43
CA LYS E 143 8.89 20.83 12.78
C LYS E 143 9.05 22.07 13.66
N THR E 144 8.49 23.20 13.23
CA THR E 144 8.64 24.45 13.97
C THR E 144 7.54 24.63 15.01
N THR E 145 7.94 24.64 16.28
CA THR E 145 7.00 24.79 17.39
C THR E 145 7.29 26.06 18.19
N SER E 146 6.45 26.35 19.18
CA SER E 146 6.65 27.52 20.02
C SER E 146 8.01 27.45 20.73
N GLU E 147 8.45 26.23 21.05
CA GLU E 147 9.77 26.07 21.65
C GLU E 147 10.89 26.38 20.64
N THR E 148 10.64 26.07 19.37
CA THR E 148 11.58 26.42 18.31
C THR E 148 11.75 27.94 18.30
N VAL E 149 10.63 28.65 18.43
CA VAL E 149 10.65 30.11 18.46
C VAL E 149 11.37 30.60 19.70
N ARG E 150 11.15 29.93 20.81
CA ARG E 150 11.74 30.37 22.06
C ARG E 150 13.27 30.27 22.02
N ALA E 151 13.80 29.16 21.52
CA ALA E 151 15.25 28.99 21.44
C ALA E 151 15.93 30.10 20.63
N VAL E 152 15.20 30.65 19.66
CA VAL E 152 15.73 31.77 18.90
C VAL E 152 15.89 33.02 19.78
N LEU E 153 15.44 32.92 21.04
CA LEU E 153 15.72 33.94 22.05
C LEU E 153 17.21 33.98 22.40
N ASP E 154 18.02 33.31 21.60
CA ASP E 154 19.46 33.43 21.69
C ASP E 154 19.86 34.81 21.16
N SER E 155 18.87 35.52 20.59
CA SER E 155 19.06 36.89 20.15
C SER E 155 19.22 37.81 21.37
N LEU E 156 18.56 37.45 22.47
CA LEU E 156 18.63 38.25 23.69
C LEU E 156 20.07 38.53 24.12
N ASN F 3 -41.38 4.41 13.08
CA ASN F 3 -40.25 4.85 12.26
C ASN F 3 -39.65 6.15 12.78
N THR F 4 -38.47 6.07 13.39
CA THR F 4 -37.80 7.24 13.93
C THR F 4 -37.74 8.41 12.93
N LYS F 5 -38.07 9.59 13.43
CA LYS F 5 -37.94 10.84 12.70
C LYS F 5 -36.65 11.52 13.17
N TYR F 6 -35.83 11.98 12.23
CA TYR F 6 -34.56 12.62 12.58
C TYR F 6 -34.61 14.13 12.40
N ASN F 7 -34.05 14.84 13.37
CA ASN F 7 -33.85 16.28 13.30
C ASN F 7 -33.00 16.66 12.09
N GLU F 8 -33.44 17.69 11.37
CA GLU F 8 -32.84 18.17 10.14
C GLU F 8 -31.40 18.64 10.38
N GLU F 9 -31.14 19.27 11.52
CA GLU F 9 -29.79 19.76 11.82
C GLU F 9 -28.83 18.60 12.03
N PHE F 10 -29.33 17.51 12.57
CA PHE F 10 -28.52 16.32 12.78
C PHE F 10 -28.21 15.74 11.39
N LEU F 11 -29.26 15.62 10.57
CA LEU F 11 -29.17 15.04 9.23
C LEU F 11 -28.23 15.81 8.29
N LEU F 12 -28.26 17.14 8.37
CA LEU F 12 -27.42 18.00 7.54
C LEU F 12 -25.93 17.84 7.88
N TYR F 13 -25.58 17.96 9.17
CA TYR F 13 -24.21 17.74 9.61
C TYR F 13 -23.76 16.33 9.21
N LEU F 14 -24.62 15.34 9.45
CA LEU F 14 -24.27 13.96 9.18
C LEU F 14 -24.09 13.70 7.70
N ALA F 15 -24.87 14.39 6.86
CA ALA F 15 -24.73 14.24 5.40
C ALA F 15 -23.35 14.72 4.93
N GLY F 16 -22.82 15.77 5.56
CA GLY F 16 -21.50 16.25 5.24
C GLY F 16 -20.44 15.28 5.73
N PHE F 17 -20.67 14.67 6.88
CA PHE F 17 -19.70 13.77 7.47
C PHE F 17 -19.65 12.43 6.68
N VAL F 18 -20.82 11.97 6.26
CA VAL F 18 -20.95 10.81 5.39
C VAL F 18 -20.31 11.04 4.00
N ASP F 19 -20.67 12.15 3.36
CA ASP F 19 -20.04 12.51 2.10
C ASP F 19 -18.51 12.49 2.17
N SER F 20 -17.93 12.83 3.33
CA SER F 20 -16.48 12.88 3.52
C SER F 20 -15.90 11.54 4.02
N ASP F 21 -16.34 11.05 5.17
CA ASP F 21 -15.72 9.88 5.79
C ASP F 21 -16.54 8.61 5.74
N GLY F 22 -17.70 8.68 5.12
CA GLY F 22 -18.63 7.57 5.14
C GLY F 22 -18.69 6.82 3.83
N SER F 23 -19.57 5.84 3.79
CA SER F 23 -19.60 4.97 2.64
C SER F 23 -20.98 4.36 2.49
N ILE F 24 -21.49 4.37 1.27
CA ILE F 24 -22.76 3.69 0.98
C ILE F 24 -22.47 2.57 -0.01
N ILE F 25 -22.68 1.35 0.43
CA ILE F 25 -22.13 0.15 -0.22
C ILE F 25 -23.21 -0.84 -0.60
N ALA F 26 -23.08 -1.41 -1.79
CA ALA F 26 -23.92 -2.53 -2.23
C ALA F 26 -23.01 -3.63 -2.72
N GLN F 27 -23.35 -4.86 -2.38
CA GLN F 27 -22.48 -5.98 -2.70
C GLN F 27 -23.34 -7.15 -3.08
N ILE F 28 -22.76 -8.03 -3.89
CA ILE F 28 -23.36 -9.30 -4.24
C ILE F 28 -22.41 -10.35 -3.71
N LYS F 29 -22.83 -11.10 -2.70
CA LYS F 29 -21.97 -12.14 -2.12
C LYS F 29 -22.39 -13.51 -2.64
N PRO F 30 -21.44 -14.24 -3.26
CA PRO F 30 -21.75 -15.59 -3.73
C PRO F 30 -22.28 -16.45 -2.58
N ARG F 31 -23.23 -17.34 -2.88
CA ARG F 31 -23.80 -18.23 -1.86
C ARG F 31 -24.65 -19.33 -2.49
N GLN F 32 -24.12 -20.56 -2.51
CA GLN F 32 -24.78 -21.68 -3.16
C GLN F 32 -26.14 -22.07 -2.58
N SER F 33 -26.47 -21.53 -1.41
CA SER F 33 -27.72 -21.85 -0.75
C SER F 33 -28.86 -20.93 -1.18
N ASN F 34 -28.52 -19.74 -1.65
CA ASN F 34 -29.51 -18.78 -2.12
C ASN F 34 -30.15 -19.21 -3.43
N LYS F 35 -31.40 -18.81 -3.64
CA LYS F 35 -32.16 -19.17 -4.83
C LYS F 35 -31.44 -18.80 -6.14
N PHE F 36 -30.64 -17.74 -6.13
CA PHE F 36 -29.90 -17.37 -7.34
C PHE F 36 -28.40 -17.41 -7.12
N LYS F 37 -27.97 -18.15 -6.11
CA LYS F 37 -26.56 -18.36 -5.85
C LYS F 37 -25.82 -17.12 -5.35
N HIS F 38 -26.57 -16.12 -4.90
CA HIS F 38 -25.95 -14.91 -4.38
C HIS F 38 -26.84 -14.20 -3.36
N GLN F 39 -26.21 -13.61 -2.35
CA GLN F 39 -26.89 -12.80 -1.34
C GLN F 39 -26.57 -11.32 -1.50
N LEU F 40 -27.61 -10.50 -1.59
CA LEU F 40 -27.42 -9.04 -1.67
C LEU F 40 -27.17 -8.44 -0.29
N SER F 41 -26.24 -7.47 -0.23
CA SER F 41 -25.85 -6.84 1.01
C SER F 41 -25.75 -5.32 0.86
N LEU F 42 -26.51 -4.60 1.67
CA LEU F 42 -26.49 -3.15 1.64
C LEU F 42 -25.93 -2.68 2.96
N THR F 43 -24.96 -1.78 2.92
CA THR F 43 -24.31 -1.35 4.15
C THR F 43 -24.07 0.14 4.12
N PHE F 44 -24.39 0.78 5.22
CA PHE F 44 -24.04 2.16 5.43
C PHE F 44 -22.90 2.15 6.45
N ALA F 45 -21.80 2.83 6.13
CA ALA F 45 -20.63 2.81 7.02
C ALA F 45 -20.11 4.22 7.26
N VAL F 46 -19.64 4.47 8.48
CA VAL F 46 -18.80 5.64 8.75
C VAL F 46 -17.49 5.17 9.40
N THR F 47 -16.36 5.51 8.79
CA THR F 47 -15.06 5.05 9.27
C THR F 47 -14.36 6.17 10.03
N GLN F 48 -13.68 5.80 11.12
CA GLN F 48 -12.88 6.76 11.88
C GLN F 48 -11.78 6.08 12.74
N LYS F 49 -10.60 6.70 12.79
CA LYS F 49 -9.55 6.39 13.76
C LYS F 49 -10.12 5.98 15.12
N THR F 50 -9.60 4.90 15.69
CA THR F 50 -10.19 4.32 16.90
C THR F 50 -10.11 5.23 18.11
N GLN F 51 -9.15 6.15 18.11
CA GLN F 51 -9.04 7.13 19.19
C GLN F 51 -10.26 8.04 19.22
N ARG F 52 -10.97 8.10 18.09
CA ARG F 52 -12.23 8.83 17.97
C ARG F 52 -13.46 7.90 17.91
N ARG F 53 -13.32 6.69 18.47
CA ARG F 53 -14.39 5.70 18.41
C ARG F 53 -15.67 6.21 19.11
N TRP F 54 -15.48 6.95 20.19
CA TRP F 54 -16.59 7.57 20.91
C TRP F 54 -17.57 8.29 19.97
N PHE F 55 -17.02 8.89 18.93
CA PHE F 55 -17.81 9.65 17.99
C PHE F 55 -18.68 8.72 17.12
N LEU F 56 -18.20 7.51 16.82
CA LEU F 56 -19.00 6.50 16.14
C LEU F 56 -20.07 5.92 17.09
N ASP F 57 -19.71 5.74 18.36
CA ASP F 57 -20.64 5.26 19.39
C ASP F 57 -21.86 6.17 19.55
N LYS F 58 -21.64 7.49 19.58
CA LYS F 58 -22.73 8.44 19.67
C LYS F 58 -23.71 8.23 18.53
N LEU F 59 -23.16 7.98 17.34
CA LEU F 59 -23.96 7.65 16.17
C LEU F 59 -24.95 6.49 16.43
N VAL F 60 -24.49 5.46 17.14
CA VAL F 60 -25.39 4.38 17.53
C VAL F 60 -26.56 4.90 18.37
N ASP F 61 -26.25 5.78 19.33
CA ASP F 61 -27.28 6.36 20.20
C ASP F 61 -28.23 7.29 19.42
N GLU F 62 -27.69 8.06 18.50
CA GLU F 62 -28.48 9.04 17.75
C GLU F 62 -29.34 8.41 16.66
N ILE F 63 -28.78 7.48 15.92
CA ILE F 63 -29.50 6.85 14.82
C ILE F 63 -30.37 5.77 15.42
N GLY F 64 -29.93 5.24 16.55
CA GLY F 64 -30.75 4.31 17.33
C GLY F 64 -30.57 2.86 16.94
N VAL F 65 -29.75 2.60 15.91
CA VAL F 65 -29.41 1.25 15.47
C VAL F 65 -27.97 1.21 14.90
N GLY F 66 -27.47 0.00 14.66
CA GLY F 66 -26.15 -0.16 14.09
C GLY F 66 -25.13 -0.68 15.08
N TYR F 67 -23.90 -0.87 14.64
CA TYR F 67 -22.85 -1.40 15.50
C TYR F 67 -21.57 -0.66 15.19
N VAL F 68 -20.62 -0.71 16.13
CA VAL F 68 -19.30 -0.18 15.92
C VAL F 68 -18.32 -1.34 16.02
N TYR F 69 -17.45 -1.46 15.03
CA TYR F 69 -16.48 -2.54 14.95
C TYR F 69 -15.05 -1.96 14.91
N ASP F 70 -14.13 -2.58 15.63
CA ASP F 70 -12.72 -2.18 15.58
C ASP F 70 -11.95 -3.04 14.58
N SER F 71 -11.18 -2.38 13.73
CA SER F 71 -10.35 -3.08 12.75
C SER F 71 -8.91 -2.63 12.96
N GLY F 72 -8.32 -3.05 14.06
CA GLY F 72 -6.98 -2.60 14.43
C GLY F 72 -7.02 -1.18 14.94
N SER F 73 -6.39 -0.27 14.19
CA SER F 73 -6.30 1.13 14.58
C SER F 73 -7.47 1.96 14.06
N VAL F 74 -8.39 1.32 13.34
CA VAL F 74 -9.53 2.06 12.81
C VAL F 74 -10.87 1.42 13.23
N SER F 75 -11.89 2.26 13.39
CA SER F 75 -13.20 1.74 13.75
C SER F 75 -14.24 2.17 12.70
N ASP F 76 -15.34 1.41 12.61
CA ASP F 76 -16.45 1.71 11.70
C ASP F 76 -17.78 1.58 12.44
N TYR F 77 -18.63 2.59 12.26
CA TYR F 77 -20.05 2.45 12.50
C TYR F 77 -20.68 1.75 11.29
N ARG F 78 -21.54 0.80 11.56
CA ARG F 78 -22.12 -0.02 10.52
C ARG F 78 -23.63 -0.19 10.71
N LEU F 79 -24.38 0.02 9.63
CA LEU F 79 -25.81 -0.22 9.61
C LEU F 79 -26.22 -0.99 8.36
N SER F 80 -26.73 -2.20 8.55
CA SER F 80 -27.07 -3.04 7.40
C SER F 80 -28.50 -3.59 7.38
N GLU F 81 -29.21 -3.55 8.51
CA GLU F 81 -30.59 -4.00 8.58
C GLU F 81 -31.47 -3.16 7.66
N ILE F 82 -32.12 -3.81 6.71
CA ILE F 82 -32.81 -3.11 5.62
C ILE F 82 -33.87 -2.08 6.03
N LYS F 83 -34.69 -2.43 7.01
CA LYS F 83 -35.76 -1.57 7.47
C LYS F 83 -35.19 -0.25 7.96
N PRO F 84 -34.51 -0.30 9.10
CA PRO F 84 -33.88 0.90 9.66
C PRO F 84 -33.00 1.61 8.61
N LEU F 85 -32.28 0.83 7.82
CA LEU F 85 -31.48 1.42 6.74
C LEU F 85 -32.37 2.24 5.79
N HIS F 86 -33.49 1.65 5.36
CA HIS F 86 -34.48 2.37 4.53
C HIS F 86 -34.92 3.65 5.21
N ASN F 87 -35.34 3.56 6.46
CA ASN F 87 -35.85 4.73 7.16
C ASN F 87 -34.81 5.85 7.31
N PHE F 88 -33.59 5.46 7.69
CA PHE F 88 -32.49 6.40 7.86
C PHE F 88 -32.11 7.04 6.53
N LEU F 89 -31.84 6.20 5.52
CA LEU F 89 -31.50 6.71 4.18
C LEU F 89 -32.54 7.63 3.52
N THR F 90 -33.82 7.27 3.53
CA THR F 90 -34.78 8.19 2.90
C THR F 90 -34.78 9.57 3.57
N GLN F 91 -34.46 9.63 4.86
CA GLN F 91 -34.37 10.94 5.50
C GLN F 91 -33.03 11.66 5.27
N LEU F 92 -32.00 10.91 4.89
CA LEU F 92 -30.67 11.50 4.75
C LEU F 92 -30.45 11.99 3.32
N GLN F 93 -30.98 11.22 2.36
CA GLN F 93 -30.69 11.45 0.96
C GLN F 93 -30.83 12.90 0.48
N PRO F 94 -31.90 13.62 0.90
CA PRO F 94 -32.04 14.99 0.37
C PRO F 94 -30.83 15.86 0.67
N PHE F 95 -30.11 15.54 1.74
CA PHE F 95 -29.02 16.39 2.17
C PHE F 95 -27.65 16.01 1.60
N LEU F 96 -27.57 14.82 1.02
CA LEU F 96 -26.30 14.27 0.53
C LEU F 96 -25.92 14.97 -0.77
N LYS F 97 -24.63 15.17 -0.96
CA LYS F 97 -24.15 15.81 -2.17
C LYS F 97 -23.25 14.89 -2.99
N LEU F 98 -22.27 14.24 -2.37
CA LEU F 98 -21.42 13.34 -3.12
C LEU F 98 -22.02 11.96 -3.27
N LYS F 99 -22.88 11.56 -2.33
CA LYS F 99 -23.38 10.18 -2.35
C LYS F 99 -24.90 10.09 -2.56
N GLN F 100 -25.50 11.17 -3.04
CA GLN F 100 -26.95 11.19 -3.18
C GLN F 100 -27.44 10.09 -4.11
N LYS F 101 -26.74 9.89 -5.22
CA LYS F 101 -27.13 8.84 -6.16
C LYS F 101 -27.00 7.45 -5.55
N GLN F 102 -25.89 7.19 -4.84
CA GLN F 102 -25.72 5.89 -4.19
C GLN F 102 -26.91 5.62 -3.26
N ALA F 103 -27.26 6.62 -2.44
CA ALA F 103 -28.37 6.46 -1.50
C ALA F 103 -29.68 6.17 -2.24
N ASN F 104 -29.94 6.88 -3.33
CA ASN F 104 -31.14 6.61 -4.13
C ASN F 104 -31.13 5.23 -4.79
N LEU F 105 -29.97 4.80 -5.28
CA LEU F 105 -29.91 3.44 -5.81
C LEU F 105 -30.22 2.39 -4.73
N VAL F 106 -29.72 2.62 -3.51
CA VAL F 106 -29.99 1.71 -2.39
C VAL F 106 -31.46 1.64 -2.02
N LEU F 107 -32.11 2.80 -1.98
CA LEU F 107 -33.53 2.86 -1.62
C LEU F 107 -34.36 2.18 -2.69
N LYS F 108 -33.91 2.26 -3.93
CA LYS F 108 -34.54 1.62 -5.06
C LYS F 108 -34.37 0.10 -4.96
N ILE F 109 -33.16 -0.33 -4.69
CA ILE F 109 -32.91 -1.75 -4.47
C ILE F 109 -33.80 -2.30 -3.33
N ILE F 110 -33.86 -1.58 -2.22
CA ILE F 110 -34.63 -2.05 -1.06
C ILE F 110 -36.12 -2.20 -1.40
N GLU F 111 -36.66 -1.21 -2.10
CA GLU F 111 -38.08 -1.22 -2.42
C GLU F 111 -38.41 -2.31 -3.43
N GLN F 112 -37.38 -2.93 -3.98
CA GLN F 112 -37.54 -3.86 -5.08
C GLN F 112 -37.16 -5.29 -4.67
N LEU F 113 -36.59 -5.43 -3.48
CA LEU F 113 -36.16 -6.73 -2.97
C LEU F 113 -37.21 -7.85 -3.10
N PRO F 114 -38.42 -7.62 -2.57
CA PRO F 114 -39.45 -8.66 -2.56
C PRO F 114 -39.61 -9.31 -3.93
N SER F 115 -39.69 -8.49 -4.98
CA SER F 115 -39.89 -8.99 -6.34
C SER F 115 -38.59 -9.43 -7.02
N ALA F 116 -37.45 -9.00 -6.49
CA ALA F 116 -36.16 -9.44 -7.00
C ALA F 116 -36.01 -10.93 -6.72
N LYS F 117 -36.65 -11.38 -5.65
CA LYS F 117 -36.61 -12.79 -5.29
C LYS F 117 -37.52 -13.61 -6.21
N GLU F 118 -38.25 -12.92 -7.08
CA GLU F 118 -39.21 -13.57 -7.96
C GLU F 118 -38.59 -14.21 -9.22
N SER F 119 -37.83 -13.42 -9.98
CA SER F 119 -37.29 -13.91 -11.25
C SER F 119 -35.81 -13.57 -11.40
N PRO F 120 -35.05 -14.46 -12.05
CA PRO F 120 -33.61 -14.32 -12.25
C PRO F 120 -33.27 -13.11 -13.10
N ASP F 121 -34.21 -12.73 -13.96
CA ASP F 121 -34.06 -11.53 -14.78
C ASP F 121 -34.24 -10.32 -13.86
N LYS F 122 -35.19 -10.43 -12.95
CA LYS F 122 -35.43 -9.38 -11.96
C LYS F 122 -34.24 -9.26 -10.99
N PHE F 123 -33.68 -10.39 -10.59
CA PHE F 123 -32.53 -10.37 -9.70
C PHE F 123 -31.35 -9.73 -10.43
N LEU F 124 -31.16 -10.14 -11.68
CA LEU F 124 -30.11 -9.59 -12.52
C LEU F 124 -30.21 -8.06 -12.66
N GLU F 125 -31.44 -7.56 -12.81
CA GLU F 125 -31.61 -6.12 -12.94
C GLU F 125 -31.19 -5.40 -11.65
N VAL F 126 -31.63 -5.94 -10.52
CA VAL F 126 -31.25 -5.39 -9.23
C VAL F 126 -29.72 -5.39 -9.07
N CYS F 127 -29.07 -6.43 -9.61
CA CYS F 127 -27.61 -6.52 -9.62
C CYS F 127 -26.93 -5.46 -10.49
N THR F 128 -27.62 -4.96 -11.51
CA THR F 128 -27.05 -3.90 -12.33
C THR F 128 -27.09 -2.58 -11.58
N TRP F 129 -28.11 -2.41 -10.75
CA TRP F 129 -28.21 -1.23 -9.90
C TRP F 129 -27.04 -1.24 -8.91
N VAL F 130 -26.70 -2.44 -8.42
CA VAL F 130 -25.54 -2.60 -7.56
C VAL F 130 -24.26 -2.19 -8.30
N ASP F 131 -24.16 -2.53 -9.60
CA ASP F 131 -22.99 -2.16 -10.39
C ASP F 131 -22.86 -0.63 -10.46
N GLN F 132 -24.00 0.04 -10.56
CA GLN F 132 -24.03 1.49 -10.67
C GLN F 132 -23.56 2.14 -9.37
N ILE F 133 -23.97 1.59 -8.23
CA ILE F 133 -23.47 2.05 -6.93
C ILE F 133 -21.95 1.94 -6.86
N ALA F 134 -21.41 0.78 -7.23
CA ALA F 134 -19.95 0.61 -7.25
C ALA F 134 -19.28 1.57 -8.23
N ALA F 135 -19.94 1.83 -9.36
CA ALA F 135 -19.35 2.76 -10.35
C ALA F 135 -19.31 4.21 -9.82
N LEU F 136 -20.25 4.58 -8.96
CA LEU F 136 -20.21 5.89 -8.33
C LEU F 136 -19.14 6.01 -7.24
N ASN F 137 -18.86 4.90 -6.55
CA ASN F 137 -17.86 4.89 -5.49
C ASN F 137 -16.43 4.84 -6.01
N ASP F 138 -15.45 5.13 -5.16
CA ASP F 138 -14.04 4.89 -5.52
C ASP F 138 -13.69 3.38 -5.44
N SER F 139 -14.43 2.57 -6.19
CA SER F 139 -14.29 1.11 -6.18
C SER F 139 -12.90 0.64 -6.66
N LYS F 140 -12.24 -0.23 -5.87
CA LYS F 140 -10.91 -0.73 -6.24
C LYS F 140 -10.72 -2.25 -6.14
N THR F 141 -11.58 -2.95 -5.41
CA THR F 141 -11.37 -4.37 -5.19
C THR F 141 -12.63 -5.20 -5.38
N ARG F 142 -13.60 -4.67 -6.13
CA ARG F 142 -14.81 -5.41 -6.41
C ARG F 142 -14.51 -6.68 -7.20
N LYS F 143 -15.19 -7.77 -6.86
CA LYS F 143 -15.01 -9.04 -7.55
C LYS F 143 -16.31 -9.57 -8.16
N THR F 144 -17.38 -9.56 -7.38
CA THR F 144 -18.65 -10.10 -7.86
C THR F 144 -19.55 -9.00 -8.44
N THR F 145 -19.87 -9.14 -9.72
CA THR F 145 -20.70 -8.17 -10.40
C THR F 145 -21.96 -8.83 -10.96
N SER F 146 -22.84 -8.02 -11.51
CA SER F 146 -23.99 -8.54 -12.22
C SER F 146 -23.55 -9.53 -13.29
N GLU F 147 -22.37 -9.30 -13.87
CA GLU F 147 -21.79 -10.24 -14.84
C GLU F 147 -21.52 -11.61 -14.25
N THR F 148 -20.84 -11.63 -13.10
CA THR F 148 -20.57 -12.87 -12.38
C THR F 148 -21.87 -13.64 -12.22
N VAL F 149 -22.88 -12.92 -11.75
CA VAL F 149 -24.18 -13.51 -11.50
C VAL F 149 -24.78 -14.08 -12.77
N ARG F 150 -24.76 -13.29 -13.83
CA ARG F 150 -25.29 -13.70 -15.12
C ARG F 150 -24.64 -15.01 -15.59
N ALA F 151 -23.33 -15.13 -15.38
CA ALA F 151 -22.59 -16.32 -15.82
C ALA F 151 -22.94 -17.59 -15.05
N VAL F 152 -23.12 -17.46 -13.74
CA VAL F 152 -23.46 -18.61 -12.91
C VAL F 152 -24.89 -19.04 -13.18
N LEU F 153 -25.75 -18.08 -13.52
CA LEU F 153 -27.12 -18.40 -13.91
C LEU F 153 -27.10 -18.97 -15.32
N ASP F 154 -25.92 -18.92 -15.95
CA ASP F 154 -25.73 -19.42 -17.30
C ASP F 154 -26.57 -18.62 -18.32
#